data_2ZGC
#
_entry.id   2ZGC
#
_cell.length_a   74.391
_cell.length_b   74.391
_cell.length_c   113.199
_cell.angle_alpha   90.00
_cell.angle_beta   90.00
_cell.angle_gamma   120.00
#
_symmetry.space_group_name_H-M   'P 31 2 1'
#
loop_
_entity.id
_entity.type
_entity.pdbx_description
1 polymer 'Granzyme M'
2 non-polymer 'SULFATE ION'
3 water water
#
_entity_poly.entity_id   1
_entity_poly.type   'polypeptide(L)'
_entity_poly.pdbx_seq_one_letter_code
;IIGGREVIPHSRPYMASLQRNGSHLCGGVLVHPKWVLTAAHCLAQRMAQLRLVLGLHTLDSPGLTFHIKAAIQHPRYKPV
PALENDLALLQLDGKVKPSRTIRPLALPSKRQVVAAGTRCSMAGWGLTHQGGRLSRVLRELDLQVLDTRMCNNSRFWNGS
LSPSMVCLAADSKDQAPCKGDSGGPLVCGKGRVLAGVLSFSSRVCTDIFKPPVATAVAPYVSWIRKVTGRSALEHHHHHH
;
_entity_poly.pdbx_strand_id   A
#
loop_
_chem_comp.id
_chem_comp.type
_chem_comp.name
_chem_comp.formula
SO4 non-polymer 'SULFATE ION' 'O4 S -2'
#
# COMPACT_ATOMS: atom_id res chain seq x y z
N ILE A 1 -3.82 2.63 -10.81
CA ILE A 1 -2.63 2.19 -11.57
C ILE A 1 -2.76 2.58 -13.04
N ILE A 2 -1.75 3.26 -13.58
CA ILE A 2 -1.66 3.53 -15.01
C ILE A 2 -0.90 2.40 -15.69
N GLY A 3 -1.47 1.89 -16.77
CA GLY A 3 -0.89 0.80 -17.59
C GLY A 3 -0.87 -0.54 -16.87
N GLY A 4 -1.80 -0.75 -15.95
CA GLY A 4 -1.87 -2.02 -15.24
C GLY A 4 -2.84 -3.01 -15.87
N ARG A 5 -3.04 -4.14 -15.20
CA ARG A 5 -3.93 -5.19 -15.69
C ARG A 5 -4.98 -5.43 -14.60
N GLU A 6 -6.23 -5.63 -15.00
CA GLU A 6 -7.25 -6.09 -14.08
C GLU A 6 -6.81 -7.42 -13.48
N VAL A 7 -6.93 -7.57 -12.16
CA VAL A 7 -6.65 -8.85 -11.50
C VAL A 7 -7.77 -9.86 -11.71
N ILE A 8 -7.41 -11.13 -11.63
CA ILE A 8 -8.42 -12.21 -11.48
C ILE A 8 -9.15 -11.85 -10.19
N PRO A 9 -10.49 -11.76 -10.24
CA PRO A 9 -11.25 -11.36 -9.04
C PRO A 9 -11.02 -12.23 -7.79
N HIS A 10 -10.79 -11.55 -6.67
CA HIS A 10 -10.52 -12.13 -5.36
C HIS A 10 -9.20 -12.91 -5.28
N SER A 11 -8.31 -12.66 -6.24
CA SER A 11 -6.98 -13.26 -6.24
C SER A 11 -6.04 -12.64 -5.22
N ARG A 12 -6.38 -11.43 -4.73
CA ARG A 12 -5.64 -10.81 -3.64
C ARG A 12 -6.61 -10.49 -2.48
N PRO A 13 -7.03 -11.53 -1.72
CA PRO A 13 -8.10 -11.45 -0.70
C PRO A 13 -7.70 -10.62 0.54
N TYR A 14 -6.44 -10.22 0.59
CA TYR A 14 -5.94 -9.36 1.68
C TYR A 14 -6.18 -7.87 1.44
N MET A 15 -6.64 -7.53 0.23
CA MET A 15 -6.80 -6.10 -0.17
C MET A 15 -7.93 -5.39 0.60
N ALA A 16 -7.62 -4.20 1.12
CA ALA A 16 -8.61 -3.30 1.67
C ALA A 16 -8.74 -2.06 0.82
N SER A 17 -9.93 -1.50 0.86
CA SER A 17 -10.23 -0.18 0.33
C SER A 17 -10.66 0.70 1.50
N LEU A 18 -9.90 1.77 1.71
CA LEU A 18 -10.21 2.79 2.72
C LEU A 18 -11.05 3.85 2.02
N GLN A 19 -12.25 4.09 2.53
CA GLN A 19 -13.21 4.94 1.86
C GLN A 19 -13.76 6.04 2.80
N ARG A 20 -14.10 7.18 2.21
CA ARG A 20 -14.83 8.25 2.92
C ARG A 20 -16.15 8.50 2.22
N ASN A 21 -17.26 8.37 2.92
CA ASN A 21 -18.59 8.53 2.32
C ASN A 21 -18.76 7.67 1.06
N GLY A 22 -18.23 6.44 1.08
CA GLY A 22 -18.35 5.54 -0.06
C GLY A 22 -17.40 5.81 -1.21
N SER A 23 -16.51 6.80 -1.04
CA SER A 23 -15.50 7.09 -2.06
C SER A 23 -14.11 6.59 -1.64
N HIS A 24 -13.53 5.72 -2.48
CA HIS A 24 -12.23 5.12 -2.24
C HIS A 24 -11.13 6.21 -2.15
N LEU A 25 -10.28 6.07 -1.14
CA LEU A 25 -9.23 7.03 -0.87
C LEU A 25 -7.85 6.40 -1.02
N CYS A 26 -7.70 5.21 -0.44
CA CYS A 26 -6.40 4.55 -0.39
C CYS A 26 -6.58 3.06 -0.34
N GLY A 27 -5.53 2.34 -0.67
CA GLY A 27 -5.50 0.87 -0.50
C GLY A 27 -5.02 0.57 0.92
N GLY A 28 -5.04 -0.72 1.26
CA GLY A 28 -4.65 -1.23 2.55
C GLY A 28 -4.47 -2.73 2.46
N VAL A 29 -3.75 -3.28 3.44
CA VAL A 29 -3.57 -4.75 3.52
C VAL A 29 -4.03 -5.26 4.88
N LEU A 30 -4.93 -6.22 4.83
CA LEU A 30 -5.38 -6.94 6.02
C LEU A 30 -4.24 -7.86 6.52
N VAL A 31 -3.77 -7.60 7.74
CA VAL A 31 -2.59 -8.31 8.29
C VAL A 31 -2.93 -9.05 9.57
N HIS A 32 -4.19 -8.98 9.97
CA HIS A 32 -4.66 -9.63 11.20
C HIS A 32 -6.19 -9.65 11.02
N PRO A 33 -6.90 -10.65 11.59
CA PRO A 33 -8.37 -10.64 11.49
C PRO A 33 -9.02 -9.33 11.95
N LYS A 34 -8.29 -8.55 12.76
CA LYS A 34 -8.84 -7.27 13.26
C LYS A 34 -8.13 -5.99 12.73
N TRP A 35 -7.09 -6.13 11.90
CA TRP A 35 -6.25 -4.98 11.55
C TRP A 35 -5.87 -4.86 10.09
N VAL A 36 -5.97 -3.62 9.59
CA VAL A 36 -5.52 -3.24 8.26
C VAL A 36 -4.33 -2.30 8.44
N LEU A 37 -3.26 -2.60 7.73
CA LEU A 37 -2.09 -1.72 7.54
C LEU A 37 -2.22 -0.87 6.28
N THR A 38 -1.93 0.43 6.40
CA THR A 38 -2.05 1.36 5.26
C THR A 38 -0.97 2.43 5.47
N ALA A 39 -0.96 3.44 4.62
CA ALA A 39 -0.07 4.59 4.82
C ALA A 39 -0.66 5.59 5.78
N ALA A 40 0.20 6.15 6.62
CA ALA A 40 -0.20 7.21 7.51
C ALA A 40 -0.82 8.43 6.81
N HIS A 41 -0.29 8.77 5.63
CA HIS A 41 -0.76 9.98 4.93
C HIS A 41 -2.20 9.82 4.46
N CYS A 42 -2.68 8.59 4.47
CA CYS A 42 -4.09 8.33 4.13
C CYS A 42 -5.09 8.79 5.18
N LEU A 43 -4.61 9.04 6.39
CA LEU A 43 -5.44 9.41 7.52
C LEU A 43 -5.46 10.89 7.84
N ALA A 44 -5.04 11.72 6.91
CA ALA A 44 -5.22 13.18 7.04
C ALA A 44 -6.70 13.53 6.84
N GLN A 45 -7.60 12.88 7.59
CA GLN A 45 -9.03 12.87 7.24
C GLN A 45 -9.92 12.91 8.48
N ARG A 46 -11.18 13.31 8.25
CA ARG A 46 -12.22 13.20 9.25
C ARG A 46 -12.54 11.74 9.53
N MET A 47 -11.99 11.23 10.62
CA MET A 47 -11.96 9.80 10.87
C MET A 47 -13.33 9.10 10.90
N ALA A 48 -14.33 9.79 11.44
CA ALA A 48 -15.68 9.23 11.61
C ALA A 48 -16.28 8.75 10.31
N GLN A 49 -15.98 9.46 9.22
CA GLN A 49 -16.63 9.17 7.94
C GLN A 49 -15.86 8.14 7.10
N LEU A 50 -14.81 7.58 7.69
CA LEU A 50 -13.99 6.57 7.06
C LEU A 50 -14.50 5.16 7.34
N ARG A 51 -14.36 4.31 6.35
CA ARG A 51 -14.78 2.92 6.45
C ARG A 51 -13.70 2.11 5.78
N LEU A 52 -13.62 0.85 6.19
CA LEU A 52 -12.77 -0.11 5.49
C LEU A 52 -13.65 -1.14 4.79
N VAL A 53 -13.38 -1.37 3.49
CA VAL A 53 -14.19 -2.32 2.72
C VAL A 53 -13.33 -3.45 2.22
N LEU A 54 -13.73 -4.66 2.59
CA LEU A 54 -12.96 -5.88 2.30
C LEU A 54 -13.68 -6.78 1.29
N GLY A 55 -12.91 -7.64 0.63
CA GLY A 55 -13.45 -8.61 -0.31
C GLY A 55 -13.86 -8.05 -1.65
N LEU A 56 -13.34 -6.87 -2.01
CA LEU A 56 -13.75 -6.21 -3.27
C LEU A 56 -13.01 -6.70 -4.52
N HIS A 57 -13.75 -6.71 -5.62
CA HIS A 57 -13.10 -6.63 -6.95
C HIS A 57 -13.52 -5.34 -7.66
N THR A 58 -14.82 -5.22 -7.87
CA THR A 58 -15.44 -4.01 -8.37
C THR A 58 -15.73 -3.09 -7.20
N LEU A 59 -15.33 -1.83 -7.36
CA LEU A 59 -15.55 -0.80 -6.34
C LEU A 59 -17.03 -0.44 -6.11
N ASP A 60 -17.84 -0.44 -7.16
CA ASP A 60 -19.28 -0.21 -6.96
C ASP A 60 -20.03 -1.51 -6.68
N SER A 61 -19.60 -2.17 -5.63
CA SER A 61 -20.17 -3.44 -5.20
C SER A 61 -20.02 -3.41 -3.66
N PRO A 62 -20.93 -4.05 -2.90
CA PRO A 62 -20.89 -3.74 -1.45
C PRO A 62 -19.64 -4.24 -0.67
N GLY A 63 -19.11 -5.41 -1.06
CA GLY A 63 -18.05 -6.10 -0.27
C GLY A 63 -18.45 -6.28 1.18
N LEU A 64 -17.49 -6.25 2.09
CA LEU A 64 -17.79 -6.37 3.53
C LEU A 64 -17.21 -5.13 4.24
N THR A 65 -18.09 -4.32 4.85
CA THR A 65 -17.71 -3.01 5.35
C THR A 65 -17.55 -2.99 6.88
N PHE A 66 -16.48 -2.33 7.32
CA PHE A 66 -16.20 -2.17 8.71
C PHE A 66 -16.06 -0.68 9.08
N HIS A 67 -16.54 -0.30 10.26
CA HIS A 67 -16.12 0.97 10.84
C HIS A 67 -14.73 0.81 11.49
N ILE A 68 -14.09 1.92 11.78
CA ILE A 68 -12.75 1.88 12.34
C ILE A 68 -12.85 2.16 13.86
N LYS A 69 -12.39 1.21 14.68
CA LYS A 69 -12.34 1.35 16.17
C LYS A 69 -11.18 2.26 16.62
N ALA A 70 -10.06 2.15 15.91
CA ALA A 70 -8.82 2.89 16.23
C ALA A 70 -7.95 3.09 15.01
N ALA A 71 -7.28 4.24 14.95
CA ALA A 71 -6.39 4.56 13.82
C ALA A 71 -5.05 4.94 14.45
N ILE A 72 -4.07 4.09 14.27
CA ILE A 72 -2.83 4.21 15.04
C ILE A 72 -1.76 4.54 14.00
N GLN A 73 -1.35 5.79 13.95
CA GLN A 73 -0.30 6.22 13.07
C GLN A 73 1.04 5.85 13.75
N HIS A 74 2.07 5.54 12.96
CA HIS A 74 3.39 5.26 13.52
C HIS A 74 3.77 6.45 14.37
N PRO A 75 4.32 6.19 15.58
CA PRO A 75 4.65 7.25 16.54
C PRO A 75 5.63 8.29 15.98
N ARG A 76 6.41 7.91 14.99
CA ARG A 76 7.42 8.83 14.43
C ARG A 76 7.07 9.27 13.02
N TYR A 77 5.79 9.16 12.68
CA TYR A 77 5.34 9.55 11.34
C TYR A 77 5.63 11.04 11.20
N LYS A 78 6.22 11.42 10.07
CA LYS A 78 6.33 12.83 9.70
C LYS A 78 5.70 13.01 8.32
N PRO A 79 4.87 14.06 8.12
CA PRO A 79 4.23 14.24 6.79
C PRO A 79 5.13 14.88 5.72
N VAL A 80 4.61 14.95 4.49
CA VAL A 80 5.16 15.85 3.46
C VAL A 80 5.36 17.27 4.05
N PRO A 81 6.47 17.97 3.71
CA PRO A 81 7.66 17.81 2.83
C PRO A 81 8.84 16.97 3.39
N ALA A 82 8.61 16.33 4.53
CA ALA A 82 9.61 15.44 5.13
C ALA A 82 9.01 14.06 5.47
N LEU A 83 8.38 13.42 4.47
CA LEU A 83 7.69 12.12 4.65
C LEU A 83 8.60 11.02 5.16
N GLU A 84 8.22 10.44 6.30
CA GLU A 84 8.99 9.40 6.99
C GLU A 84 8.03 8.55 7.85
N ASN A 85 8.33 7.25 8.00
CA ASN A 85 7.52 6.36 8.84
C ASN A 85 6.03 6.39 8.47
N ASP A 86 5.79 6.27 7.16
CA ASP A 86 4.47 6.48 6.53
C ASP A 86 3.60 5.21 6.59
N LEU A 87 3.22 4.84 7.80
CA LEU A 87 2.45 3.63 8.09
C LEU A 87 1.45 3.93 9.20
N ALA A 88 0.26 3.33 9.09
CA ALA A 88 -0.76 3.43 10.11
C ALA A 88 -1.48 2.05 10.23
N LEU A 89 -1.92 1.71 11.44
CA LEU A 89 -2.70 0.49 11.69
C LEU A 89 -4.11 0.90 12.04
N LEU A 90 -5.08 0.36 11.30
CA LEU A 90 -6.50 0.61 11.54
C LEU A 90 -7.17 -0.64 12.06
N GLN A 91 -7.82 -0.52 13.21
CA GLN A 91 -8.48 -1.67 13.82
C GLN A 91 -9.92 -1.67 13.36
N LEU A 92 -10.35 -2.79 12.76
CA LEU A 92 -11.75 -2.98 12.36
C LEU A 92 -12.65 -3.07 13.58
N ASP A 93 -13.89 -2.61 13.43
CA ASP A 93 -14.87 -2.75 14.50
C ASP A 93 -15.53 -4.15 14.44
N GLY A 94 -14.81 -5.12 13.89
CA GLY A 94 -15.30 -6.49 13.84
C GLY A 94 -14.11 -7.42 13.74
N LYS A 95 -14.37 -8.69 13.44
CA LYS A 95 -13.27 -9.67 13.28
C LYS A 95 -13.55 -10.50 12.04
N VAL A 96 -12.59 -10.49 11.10
CA VAL A 96 -12.68 -11.24 9.85
C VAL A 96 -12.49 -12.75 10.13
N LYS A 97 -13.47 -13.54 9.73
CA LYS A 97 -13.25 -14.98 9.60
C LYS A 97 -12.80 -15.26 8.17
N PRO A 98 -11.57 -15.79 8.01
CA PRO A 98 -11.06 -15.90 6.64
C PRO A 98 -11.98 -16.72 5.70
N SER A 99 -12.13 -16.27 4.46
CA SER A 99 -12.93 -16.97 3.48
C SER A 99 -12.18 -16.92 2.18
N ARG A 100 -12.81 -17.39 1.12
CA ARG A 100 -12.25 -17.35 -0.21
C ARG A 100 -11.89 -15.90 -0.61
N THR A 101 -12.74 -14.94 -0.23
CA THR A 101 -12.59 -13.55 -0.75
C THR A 101 -11.89 -12.58 0.21
N ILE A 102 -11.79 -12.96 1.48
CA ILE A 102 -11.17 -12.15 2.54
C ILE A 102 -10.27 -12.97 3.44
N ARG A 103 -8.98 -12.69 3.41
CA ARG A 103 -8.00 -13.43 4.19
C ARG A 103 -6.79 -12.51 4.48
N PRO A 104 -6.31 -12.48 5.75
CA PRO A 104 -5.10 -11.67 5.99
C PRO A 104 -3.88 -12.16 5.23
N LEU A 105 -2.94 -11.24 5.01
CA LEU A 105 -1.64 -11.56 4.42
C LEU A 105 -0.62 -11.56 5.56
N ALA A 106 0.18 -12.62 5.67
CA ALA A 106 1.15 -12.79 6.74
C ALA A 106 2.21 -11.69 6.71
N LEU A 107 2.60 -11.21 7.88
CA LEU A 107 3.72 -10.30 7.95
C LEU A 107 4.98 -11.07 7.57
N PRO A 108 5.97 -10.35 7.04
CA PRO A 108 7.27 -10.96 6.82
C PRO A 108 8.03 -11.12 8.14
N SER A 109 9.11 -11.87 8.13
CA SER A 109 10.05 -11.90 9.24
C SER A 109 10.58 -10.49 9.42
N LYS A 110 10.90 -10.14 10.66
CA LYS A 110 11.49 -8.84 10.94
C LYS A 110 12.92 -8.74 10.35
N ARG A 111 13.51 -9.87 9.94
CA ARG A 111 14.83 -9.85 9.32
C ARG A 111 14.81 -9.75 7.79
N GLN A 112 13.60 -9.71 7.21
CA GLN A 112 13.42 -9.70 5.75
C GLN A 112 14.13 -8.50 5.12
N VAL A 113 14.92 -8.79 4.10
CA VAL A 113 15.58 -7.76 3.30
C VAL A 113 14.93 -7.72 1.93
N VAL A 114 14.62 -6.53 1.44
CA VAL A 114 14.06 -6.38 0.10
C VAL A 114 15.17 -5.86 -0.84
N ALA A 115 15.94 -6.78 -1.40
CA ALA A 115 17.14 -6.47 -2.20
C ALA A 115 16.79 -5.89 -3.56
N ALA A 116 17.69 -5.05 -4.11
CA ALA A 116 17.54 -4.55 -5.47
C ALA A 116 17.41 -5.73 -6.40
N GLY A 117 16.54 -5.59 -7.40
CA GLY A 117 16.35 -6.62 -8.44
C GLY A 117 15.22 -7.61 -8.14
N THR A 118 14.74 -7.56 -6.91
CA THR A 118 13.59 -8.37 -6.49
C THR A 118 12.36 -8.01 -7.31
N ARG A 119 11.64 -9.03 -7.75
CA ARG A 119 10.43 -8.90 -8.54
C ARG A 119 9.18 -8.90 -7.65
N CYS A 120 8.37 -7.87 -7.81
CA CYS A 120 7.28 -7.65 -6.89
C CYS A 120 6.08 -7.26 -7.71
N SER A 121 4.95 -7.06 -7.03
CA SER A 121 3.77 -6.42 -7.65
C SER A 121 3.02 -5.61 -6.61
N MET A 122 2.17 -4.71 -7.08
CA MET A 122 1.25 -4.00 -6.21
C MET A 122 -0.11 -4.11 -6.86
N ALA A 123 -1.13 -3.78 -6.10
CA ALA A 123 -2.50 -3.79 -6.60
C ALA A 123 -3.23 -2.58 -6.05
N GLY A 124 -4.20 -2.07 -6.79
CA GLY A 124 -5.00 -0.97 -6.23
C GLY A 124 -6.06 -0.53 -7.20
N TRP A 125 -6.91 0.39 -6.72
CA TRP A 125 -8.02 0.94 -7.52
C TRP A 125 -7.73 2.39 -7.90
N GLY A 126 -6.48 2.81 -7.75
CA GLY A 126 -6.12 4.19 -8.11
C GLY A 126 -6.28 4.56 -9.58
N LEU A 127 -5.99 5.82 -9.86
CA LEU A 127 -6.27 6.47 -11.15
C LEU A 127 -5.63 5.66 -12.26
N THR A 128 -6.31 5.55 -13.41
CA THR A 128 -5.77 4.84 -14.58
C THR A 128 -5.18 5.76 -15.63
N HIS A 129 -5.42 7.06 -15.48
CA HIS A 129 -4.72 8.08 -16.28
C HIS A 129 -4.49 9.30 -15.44
N GLN A 130 -3.44 10.03 -15.76
CA GLN A 130 -3.14 11.32 -15.12
C GLN A 130 -4.39 12.21 -15.18
N GLY A 131 -4.81 12.73 -14.01
CA GLY A 131 -5.99 13.59 -13.96
C GLY A 131 -7.26 12.83 -14.30
N GLY A 132 -7.20 11.50 -14.20
CA GLY A 132 -8.37 10.70 -14.59
C GLY A 132 -9.25 10.33 -13.41
N ARG A 133 -9.82 9.14 -13.50
CA ARG A 133 -10.76 8.67 -12.51
C ARG A 133 -10.25 7.36 -11.93
N LEU A 134 -10.74 7.01 -10.77
CA LEU A 134 -10.36 5.74 -10.15
C LEU A 134 -10.71 4.57 -11.07
N SER A 135 -9.99 3.46 -10.92
CA SER A 135 -10.35 2.26 -11.62
C SER A 135 -11.66 1.71 -11.06
N ARG A 136 -12.54 1.18 -11.91
CA ARG A 136 -13.74 0.53 -11.39
C ARG A 136 -13.42 -0.85 -10.83
N VAL A 137 -12.25 -1.39 -11.20
CA VAL A 137 -11.90 -2.76 -10.84
C VAL A 137 -10.44 -2.81 -10.33
N LEU A 138 -10.15 -3.79 -9.49
CA LEU A 138 -8.82 -3.91 -8.89
C LEU A 138 -7.87 -4.32 -9.97
N ARG A 139 -6.73 -3.63 -9.99
CA ARG A 139 -5.73 -3.80 -11.06
C ARG A 139 -4.40 -4.10 -10.39
N GLU A 140 -3.43 -4.60 -11.16
CA GLU A 140 -2.11 -4.88 -10.63
C GLU A 140 -1.03 -4.37 -11.59
N LEU A 141 0.17 -4.22 -11.08
CA LEU A 141 1.31 -3.78 -11.88
C LEU A 141 2.52 -4.48 -11.33
N ASP A 142 3.36 -4.99 -12.22
CA ASP A 142 4.65 -5.59 -11.82
C ASP A 142 5.64 -4.49 -11.58
N LEU A 143 6.43 -4.66 -10.53
CA LEU A 143 7.46 -3.71 -10.15
C LEU A 143 8.71 -4.46 -9.71
N GLN A 144 9.89 -3.95 -10.10
CA GLN A 144 11.16 -4.48 -9.55
C GLN A 144 11.82 -3.47 -8.61
N VAL A 145 12.44 -3.97 -7.56
CA VAL A 145 13.16 -3.14 -6.61
C VAL A 145 14.44 -2.57 -7.26
N LEU A 146 14.63 -1.26 -7.09
CA LEU A 146 15.84 -0.58 -7.54
C LEU A 146 16.85 -0.38 -6.43
N ASP A 147 18.07 -0.09 -6.81
CA ASP A 147 19.10 0.20 -5.84
C ASP A 147 18.80 1.56 -5.18
N THR A 148 18.68 1.59 -3.87
CA THR A 148 18.39 2.85 -3.16
C THR A 148 19.42 3.94 -3.44
N ARG A 149 20.70 3.60 -3.43
CA ARG A 149 21.71 4.61 -3.74
C ARG A 149 21.49 5.26 -5.10
N MET A 150 21.20 4.46 -6.15
CA MET A 150 20.90 5.03 -7.45
CA MET A 150 20.88 5.00 -7.45
C MET A 150 19.62 5.86 -7.40
N CYS A 151 18.60 5.41 -6.67
CA CYS A 151 17.35 6.20 -6.50
C CYS A 151 17.56 7.54 -5.78
N ASN A 152 18.64 7.64 -5.02
CA ASN A 152 19.01 8.84 -4.24
C ASN A 152 19.85 9.82 -5.02
N ASN A 153 20.11 9.47 -6.28
CA ASN A 153 20.88 10.31 -7.16
C ASN A 153 20.25 11.70 -7.20
N SER A 154 21.06 12.73 -7.41
CA SER A 154 20.62 14.13 -7.41
C SER A 154 19.48 14.41 -8.42
N ARG A 155 19.46 13.69 -9.53
CA ARG A 155 18.37 13.82 -10.51
C ARG A 155 17.08 13.04 -10.20
N PHE A 156 17.12 12.18 -9.21
CA PHE A 156 15.97 11.38 -8.79
C PHE A 156 15.49 11.83 -7.42
N TRP A 157 15.64 11.01 -6.38
CA TRP A 157 15.20 11.44 -5.03
C TRP A 157 16.22 12.29 -4.26
N ASN A 158 17.36 12.62 -4.85
CA ASN A 158 18.27 13.62 -4.27
C ASN A 158 18.55 13.33 -2.75
N GLY A 159 18.91 12.08 -2.44
CA GLY A 159 19.36 11.71 -1.06
C GLY A 159 18.28 11.58 -0.01
N SER A 160 17.02 11.60 -0.42
CA SER A 160 15.95 11.69 0.53
C SER A 160 15.40 10.33 1.00
N LEU A 161 15.78 9.24 0.34
CA LEU A 161 15.26 7.93 0.70
C LEU A 161 16.17 7.30 1.75
N SER A 162 15.54 6.85 2.83
CA SER A 162 16.24 6.22 3.95
C SER A 162 16.30 4.68 3.74
N PRO A 163 17.10 3.99 4.56
CA PRO A 163 17.14 2.53 4.47
C PRO A 163 15.82 1.80 4.63
N SER A 164 14.83 2.48 5.22
CA SER A 164 13.47 1.90 5.35
C SER A 164 12.55 1.98 4.11
N MET A 165 12.97 2.72 3.06
CA MET A 165 12.15 2.90 1.83
C MET A 165 12.55 1.81 0.80
N VAL A 166 11.60 1.43 -0.04
CA VAL A 166 11.86 0.52 -1.17
C VAL A 166 11.60 1.35 -2.44
N CYS A 167 12.63 1.54 -3.28
CA CYS A 167 12.48 2.28 -4.54
C CYS A 167 12.12 1.28 -5.64
N LEU A 168 11.23 1.68 -6.54
CA LEU A 168 10.59 0.74 -7.45
C LEU A 168 10.59 1.24 -8.87
N ALA A 169 10.56 0.28 -9.81
CA ALA A 169 10.41 0.58 -11.25
C ALA A 169 9.46 -0.40 -11.94
N ALA A 170 8.52 0.13 -12.73
CA ALA A 170 7.72 -0.67 -13.64
C ALA A 170 8.57 -1.02 -14.86
N ASP A 171 8.07 -1.92 -15.70
CA ASP A 171 8.79 -2.31 -16.89
C ASP A 171 8.78 -1.25 -17.99
N SER A 172 7.88 -0.27 -17.96
CA SER A 172 7.97 0.80 -18.98
C SER A 172 7.75 2.17 -18.35
N LYS A 173 8.07 3.22 -19.09
CA LYS A 173 7.99 4.61 -18.60
C LYS A 173 6.55 5.06 -18.30
N ASP A 174 5.58 4.40 -18.93
CA ASP A 174 4.20 4.82 -18.84
C ASP A 174 3.34 3.90 -18.00
N GLN A 175 3.95 3.25 -17.02
CA GLN A 175 3.18 2.42 -16.07
C GLN A 175 3.55 2.87 -14.68
N ALA A 176 2.56 3.06 -13.81
CA ALA A 176 2.85 3.60 -12.48
C ALA A 176 1.64 3.49 -11.58
N PRO A 177 1.87 3.35 -10.27
CA PRO A 177 0.79 3.55 -9.29
C PRO A 177 0.38 5.01 -9.38
N CYS A 178 -0.84 5.31 -8.96
CA CYS A 178 -1.34 6.68 -9.11
C CYS A 178 -2.38 6.93 -8.03
N LYS A 179 -2.81 8.18 -7.91
CA LYS A 179 -3.67 8.61 -6.81
C LYS A 179 -4.76 7.59 -6.50
N GLY A 180 -4.74 7.07 -5.26
CA GLY A 180 -5.73 6.06 -4.82
C GLY A 180 -5.05 4.72 -4.57
N ASP A 181 -3.84 4.55 -5.10
CA ASP A 181 -3.08 3.29 -4.92
C ASP A 181 -2.26 3.27 -3.64
N SER A 182 -1.98 4.45 -3.09
CA SER A 182 -1.09 4.49 -1.91
C SER A 182 -1.76 3.78 -0.72
N GLY A 183 -0.93 3.23 0.15
CA GLY A 183 -1.39 2.48 1.34
C GLY A 183 -1.56 0.98 1.03
N GLY A 184 -1.70 0.64 -0.25
CA GLY A 184 -1.78 -0.77 -0.65
C GLY A 184 -0.45 -1.52 -0.53
N PRO A 185 -0.51 -2.86 -0.48
CA PRO A 185 0.67 -3.67 -0.23
C PRO A 185 1.58 -3.84 -1.46
N LEU A 186 2.85 -3.97 -1.18
CA LEU A 186 3.82 -4.45 -2.19
C LEU A 186 4.14 -5.90 -1.81
N VAL A 187 3.91 -6.83 -2.74
CA VAL A 187 4.22 -8.22 -2.49
C VAL A 187 5.33 -8.66 -3.42
N CYS A 188 6.29 -9.44 -2.91
CA CYS A 188 7.49 -9.78 -3.68
C CYS A 188 7.80 -11.28 -3.72
N GLY A 189 8.53 -11.67 -4.76
CA GLY A 189 8.99 -13.04 -4.92
C GLY A 189 7.93 -14.01 -5.42
N LYS A 190 8.39 -15.22 -5.72
CA LYS A 190 7.51 -16.35 -6.07
C LYS A 190 6.43 -16.54 -4.98
N GLY A 191 6.82 -16.35 -3.72
CA GLY A 191 5.91 -16.51 -2.58
C GLY A 191 4.92 -15.38 -2.34
N ARG A 192 4.97 -14.31 -3.15
CA ARG A 192 4.07 -13.16 -3.00
C ARG A 192 3.99 -12.73 -1.54
N VAL A 193 5.16 -12.52 -0.96
CA VAL A 193 5.31 -12.20 0.44
C VAL A 193 5.18 -10.70 0.67
N LEU A 194 4.49 -10.30 1.73
CA LEU A 194 4.29 -8.88 2.01
C LEU A 194 5.63 -8.20 2.25
N ALA A 195 5.94 -7.14 1.50
CA ALA A 195 7.29 -6.56 1.60
C ALA A 195 7.26 -5.08 1.90
N GLY A 196 6.20 -4.41 1.49
CA GLY A 196 6.10 -2.97 1.69
C GLY A 196 4.66 -2.47 1.60
N VAL A 197 4.50 -1.20 1.95
CA VAL A 197 3.25 -0.45 1.83
C VAL A 197 3.54 0.77 0.99
N LEU A 198 2.85 0.91 -0.15
CA LEU A 198 3.06 2.08 -1.03
C LEU A 198 2.90 3.40 -0.30
N SER A 199 3.88 4.28 -0.50
CA SER A 199 3.85 5.59 0.14
C SER A 199 3.20 6.58 -0.83
N PHE A 200 3.34 7.87 -0.58
CA PHE A 200 2.62 8.88 -1.36
C PHE A 200 2.92 8.75 -2.86
N SER A 201 1.89 8.74 -3.72
CA SER A 201 2.15 8.73 -5.19
C SER A 201 2.56 10.13 -5.68
N SER A 202 3.49 10.21 -6.62
CA SER A 202 3.87 11.51 -7.19
C SER A 202 2.64 12.11 -7.82
N ARG A 203 2.48 13.42 -7.70
CA ARG A 203 1.31 14.08 -8.30
C ARG A 203 1.22 13.72 -9.79
N VAL A 204 2.35 13.83 -10.48
CA VAL A 204 2.46 13.37 -11.87
C VAL A 204 2.94 11.93 -11.77
N CYS A 205 2.00 11.01 -11.94
CA CYS A 205 2.24 9.60 -11.59
C CYS A 205 3.40 8.92 -12.31
N THR A 206 3.60 9.26 -13.58
CA THR A 206 4.64 8.61 -14.38
C THR A 206 5.97 9.43 -14.42
N ASP A 207 6.16 10.31 -13.44
CA ASP A 207 7.35 11.18 -13.39
C ASP A 207 8.56 10.25 -13.43
N ILE A 208 9.31 10.29 -14.52
CA ILE A 208 10.43 9.35 -14.63
C ILE A 208 11.53 9.59 -13.58
N PHE A 209 11.62 10.80 -13.03
CA PHE A 209 12.68 11.14 -12.07
C PHE A 209 12.22 10.99 -10.63
N LYS A 210 11.05 10.39 -10.42
CA LYS A 210 10.58 10.04 -9.07
C LYS A 210 10.07 8.63 -9.05
N PRO A 211 11.00 7.64 -9.07
CA PRO A 211 10.58 6.23 -9.01
C PRO A 211 9.61 6.00 -7.83
N PRO A 212 8.51 5.27 -8.04
CA PRO A 212 7.58 5.08 -6.88
C PRO A 212 8.29 4.44 -5.68
N VAL A 213 7.80 4.72 -4.47
CA VAL A 213 8.45 4.25 -3.25
C VAL A 213 7.41 3.61 -2.33
N ALA A 214 7.85 2.60 -1.60
CA ALA A 214 7.00 1.94 -0.63
C ALA A 214 7.83 1.88 0.65
N THR A 215 7.15 1.88 1.81
CA THR A 215 7.85 1.68 3.07
C THR A 215 8.04 0.19 3.26
N ALA A 216 9.27 -0.25 3.53
CA ALA A 216 9.52 -1.65 3.85
C ALA A 216 8.74 -2.01 5.14
N VAL A 217 8.05 -3.15 5.13
CA VAL A 217 7.30 -3.62 6.27
C VAL A 217 8.20 -4.21 7.35
N ALA A 218 9.27 -4.93 6.95
CA ALA A 218 10.11 -5.71 7.92
C ALA A 218 10.62 -4.91 9.11
N PRO A 219 11.14 -3.67 8.87
CA PRO A 219 11.65 -2.84 9.98
C PRO A 219 10.54 -2.39 10.93
N TYR A 220 9.27 -2.56 10.55
CA TYR A 220 8.13 -2.16 11.39
C TYR A 220 7.35 -3.32 12.01
N VAL A 221 7.85 -4.54 11.81
CA VAL A 221 7.14 -5.75 12.27
C VAL A 221 7.01 -5.81 13.80
N SER A 222 8.05 -5.42 14.55
CA SER A 222 7.96 -5.42 16.02
C SER A 222 6.88 -4.44 16.51
N TRP A 223 6.87 -3.24 15.92
CA TRP A 223 5.82 -2.24 16.24
C TRP A 223 4.43 -2.77 15.85
N ILE A 224 4.30 -3.38 14.68
CA ILE A 224 3.00 -3.94 14.28
C ILE A 224 2.58 -4.99 15.32
N ARG A 225 3.50 -5.90 15.67
CA ARG A 225 3.19 -6.90 16.71
C ARG A 225 2.82 -6.27 18.08
N LYS A 226 3.47 -5.19 18.49
CA LYS A 226 3.16 -4.59 19.81
C LYS A 226 1.75 -4.01 19.75
N VAL A 227 1.41 -3.36 18.63
CA VAL A 227 0.08 -2.73 18.46
C VAL A 227 -1.05 -3.73 18.36
N THR A 228 -0.89 -4.74 17.53
CA THR A 228 -1.91 -5.80 17.38
C THR A 228 -1.99 -6.77 18.57
N GLY A 229 -1.01 -6.72 19.46
CA GLY A 229 -0.92 -7.63 20.61
C GLY A 229 -0.57 -9.08 20.27
N ARG A 230 -0.22 -9.34 19.00
CA ARG A 230 0.19 -10.70 18.56
C ARG A 230 1.69 -10.80 18.34
N SER A 231 2.39 -11.43 19.29
CA SER A 231 3.85 -11.66 19.22
C SER A 231 4.23 -12.59 18.07
S SO4 B . -11.45 0.81 -15.50
O1 SO4 B . -10.51 1.93 -15.52
O2 SO4 B . -11.97 0.55 -16.84
O3 SO4 B . -10.77 -0.40 -15.02
O4 SO4 B . -12.57 1.14 -14.63
S SO4 C . -22.44 2.32 7.51
O1 SO4 C . -21.46 3.25 6.85
O2 SO4 C . -21.85 0.94 7.29
O3 SO4 C . -22.63 2.69 9.01
O4 SO4 C . -23.87 2.39 6.86
S SO4 D . 11.47 -13.50 13.24
O1 SO4 D . 11.12 -14.24 14.86
O2 SO4 D . 11.10 -14.36 11.78
O3 SO4 D . 10.30 -11.97 13.04
O4 SO4 D . 12.86 -12.92 12.87
S SO4 E . 4.22 19.08 -9.90
O1 SO4 E . 4.53 20.48 -9.72
O2 SO4 E . 5.44 18.29 -9.98
O3 SO4 E . 3.39 18.60 -8.80
O4 SO4 E . 3.49 18.94 -11.17
#